data_1JFH
#
_entry.id   1JFH
#
_cell.length_a   56.300
_cell.length_b   87.800
_cell.length_c   103.400
_cell.angle_alpha   90.00
_cell.angle_beta   90.00
_cell.angle_gamma   90.00
#
_symmetry.space_group_name_H-M   'P 21 21 21'
#
loop_
_entity.id
_entity.type
_entity.pdbx_description
1 polymer ALPHA-AMYLASE
2 branched '4-S-methyl-4-thio-alpha-D-glucopyranose-(1-4)-methyl 4-thio-alpha-D-glucopyranoside'
3 branched alpha-D-glucopyranose-(1-4)-1,4-dithio-alpha-D-glucopyranose
4 non-polymer 'CHLORIDE ION'
5 non-polymer 'MERCURY (II) ION'
6 non-polymer 'CALCIUM ION'
7 water water
#
_entity_poly.entity_id   1
_entity_poly.type   'polypeptide(L)'
_entity_poly.pdbx_seq_one_letter_code
;(PCA)YAPQTQSGRTSIVHLFEWRWVDIALECERYLGPKGFGGVQVSPPNENVVVTNPSRPWWERYQPVSYKLCTRSGNE
NEFRDMVTRCNNVGVRIYVDAVINHMCGSGAAAGTGTTCGSYCNPGSREFPAVPYSAWDFNDGKCKTASGGIESYNDPYQ
VRDCQLVGLLDLALEKDYVRSMIADYLNKLIDIGVAGFRIDASKHMWPGDIKAVLDKLHNLNTNWFPAGSRPFIFQEVID
LGGEAIKSSEYFGNGRVTEFKYGAKLGTVVRKWSGEKMSYLKNWGEGWGFMPSDRALVFVDNHDNQRGHGAGGSSILTFW
DARLYKIAVGFMLAHPYGFTRVMSSYRWARNFVNGEDVNDWIGPPNNNGVIKEVTINADTTCGNDWVCEHRWREIRNMVW
FRNVVDGEPFANWWDNGSNQVAFGRGNRGFIVFNNDDWQLSSTLQTGLPGGTYCDVISGDKVGNSCTGIKVYVSSDGTAQ
FSISNSAEDPFIAIHAESKL
;
_entity_poly.pdbx_strand_id   A
#
# COMPACT_ATOMS: atom_id res chain seq x y z
N TYR A 2 12.57 -5.11 9.23
CA TYR A 2 12.77 -4.18 8.13
C TYR A 2 12.87 -4.85 6.76
N ALA A 3 13.30 -6.10 6.74
CA ALA A 3 13.45 -6.84 5.49
C ALA A 3 12.08 -7.32 5.02
N PRO A 4 11.70 -7.03 3.76
CA PRO A 4 10.40 -7.42 3.22
C PRO A 4 10.20 -8.92 3.07
N GLN A 5 11.30 -9.67 3.00
CA GLN A 5 11.26 -11.12 2.87
C GLN A 5 10.68 -11.59 1.53
N THR A 6 10.75 -10.72 0.52
CA THR A 6 10.27 -11.08 -0.80
C THR A 6 11.33 -11.99 -1.42
N GLN A 7 10.97 -12.70 -2.48
CA GLN A 7 11.93 -13.56 -3.15
C GLN A 7 12.94 -12.59 -3.77
N SER A 8 14.22 -12.96 -3.75
CA SER A 8 15.27 -12.08 -4.29
C SER A 8 14.96 -11.59 -5.70
N GLY A 9 15.14 -10.30 -5.91
CA GLY A 9 14.87 -9.72 -7.22
C GLY A 9 13.48 -9.08 -7.34
N ARG A 10 12.66 -9.21 -6.31
CA ARG A 10 11.31 -8.63 -6.30
C ARG A 10 11.27 -7.47 -5.31
N THR A 11 10.85 -6.31 -5.80
CA THR A 11 10.87 -5.09 -5.00
C THR A 11 9.60 -4.32 -4.67
N SER A 12 8.42 -4.82 -5.03
CA SER A 12 7.17 -4.13 -4.72
C SER A 12 6.08 -5.05 -4.21
N ILE A 13 5.14 -4.46 -3.47
CA ILE A 13 3.98 -5.20 -2.99
C ILE A 13 2.76 -4.43 -3.50
N VAL A 14 1.65 -5.13 -3.68
CA VAL A 14 0.44 -4.51 -4.17
C VAL A 14 -0.70 -4.75 -3.21
N HIS A 15 -1.47 -3.69 -2.94
CA HIS A 15 -2.61 -3.81 -2.07
C HIS A 15 -3.80 -4.21 -2.91
N LEU A 16 -4.22 -5.47 -2.78
CA LEU A 16 -5.39 -5.95 -3.50
C LEU A 16 -6.59 -5.74 -2.58
N PHE A 17 -6.96 -4.46 -2.45
CA PHE A 17 -8.03 -3.96 -1.60
C PHE A 17 -9.40 -4.64 -1.81
N GLU A 18 -9.88 -5.28 -0.75
CA GLU A 18 -11.17 -5.97 -0.74
C GLU A 18 -11.32 -7.19 -1.66
N TRP A 19 -10.21 -7.66 -2.24
CA TRP A 19 -10.24 -8.83 -3.11
C TRP A 19 -10.52 -10.11 -2.31
N ARG A 20 -11.18 -11.07 -2.95
CA ARG A 20 -11.49 -12.36 -2.32
C ARG A 20 -10.24 -13.24 -2.37
N TRP A 21 -10.09 -14.13 -1.40
CA TRP A 21 -8.93 -15.02 -1.35
C TRP A 21 -8.74 -15.86 -2.62
N VAL A 22 -9.83 -16.41 -3.16
CA VAL A 22 -9.75 -17.21 -4.38
C VAL A 22 -9.25 -16.41 -5.58
N ASP A 23 -9.64 -15.15 -5.64
CA ASP A 23 -9.23 -14.28 -6.74
C ASP A 23 -7.75 -13.93 -6.64
N ILE A 24 -7.27 -13.72 -5.41
CA ILE A 24 -5.86 -13.40 -5.19
C ILE A 24 -4.98 -14.61 -5.52
N ALA A 25 -5.43 -15.80 -5.15
CA ALA A 25 -4.68 -17.03 -5.44
C ALA A 25 -4.47 -17.17 -6.94
N LEU A 26 -5.55 -16.96 -7.70
CA LEU A 26 -5.49 -17.05 -9.16
C LEU A 26 -4.58 -15.97 -9.71
N GLU A 27 -4.71 -14.75 -9.18
CA GLU A 27 -3.91 -13.62 -9.64
C GLU A 27 -2.42 -13.88 -9.45
N CYS A 28 -2.06 -14.54 -8.35
CA CYS A 28 -0.66 -14.85 -8.07
C CYS A 28 -0.09 -15.76 -9.14
N GLU A 29 -0.87 -16.79 -9.50
CA GLU A 29 -0.45 -17.77 -10.49
C GLU A 29 -0.43 -17.29 -11.94
N ARG A 30 -1.48 -16.58 -12.35
CA ARG A 30 -1.57 -16.12 -13.73
C ARG A 30 -0.91 -14.77 -14.00
N TYR A 31 -0.60 -14.01 -12.95
CA TYR A 31 -0.03 -12.68 -13.18
C TYR A 31 1.09 -12.19 -12.26
N LEU A 32 0.80 -12.07 -10.97
CA LEU A 32 1.77 -11.56 -10.01
C LEU A 32 3.10 -12.31 -10.00
N GLY A 33 3.03 -13.64 -10.09
CA GLY A 33 4.25 -14.44 -10.10
C GLY A 33 5.09 -14.19 -11.33
N PRO A 34 4.55 -14.42 -12.54
CA PRO A 34 5.25 -14.21 -13.81
C PRO A 34 5.70 -12.76 -14.06
N LYS A 35 4.92 -11.80 -13.58
CA LYS A 35 5.24 -10.39 -13.79
C LYS A 35 6.20 -9.76 -12.77
N GLY A 36 6.76 -10.58 -11.88
CA GLY A 36 7.72 -10.10 -10.91
C GLY A 36 7.29 -9.32 -9.68
N PHE A 37 6.03 -9.43 -9.30
CA PHE A 37 5.55 -8.71 -8.11
C PHE A 37 6.02 -9.43 -6.85
N GLY A 38 6.49 -8.66 -5.87
CA GLY A 38 6.99 -9.23 -4.64
C GLY A 38 5.98 -9.77 -3.64
N GLY A 39 4.85 -9.08 -3.50
CA GLY A 39 3.86 -9.53 -2.55
C GLY A 39 2.52 -8.84 -2.64
N VAL A 40 1.61 -9.26 -1.77
CA VAL A 40 0.26 -8.73 -1.73
C VAL A 40 -0.17 -8.40 -0.32
N GLN A 41 -0.69 -7.18 -0.14
CA GLN A 41 -1.22 -6.77 1.15
C GLN A 41 -2.72 -7.08 1.04
N VAL A 42 -3.23 -7.91 1.94
CA VAL A 42 -4.64 -8.27 1.91
C VAL A 42 -5.47 -7.46 2.92
N SER A 43 -6.77 -7.40 2.69
CA SER A 43 -7.66 -6.72 3.62
C SER A 43 -7.71 -7.56 4.90
N PRO A 44 -8.16 -6.97 6.03
CA PRO A 44 -8.22 -7.73 7.30
C PRO A 44 -8.94 -9.06 7.14
N PRO A 45 -8.25 -10.19 7.42
CA PRO A 45 -8.82 -11.53 7.29
C PRO A 45 -9.66 -12.01 8.47
N ASN A 46 -9.68 -11.24 9.56
CA ASN A 46 -10.43 -11.61 10.76
C ASN A 46 -11.88 -11.13 10.72
N GLU A 47 -12.74 -11.84 11.44
CA GLU A 47 -14.17 -11.56 11.51
C GLU A 47 -14.49 -10.13 11.95
N ASN A 48 -15.40 -9.49 11.22
CA ASN A 48 -15.81 -8.12 11.53
C ASN A 48 -17.33 -8.02 11.65
N VAL A 49 -17.79 -6.87 12.14
CA VAL A 49 -19.22 -6.63 12.31
C VAL A 49 -19.86 -6.29 10.96
N VAL A 50 -21.13 -6.64 10.82
CA VAL A 50 -21.89 -6.36 9.60
C VAL A 50 -22.61 -5.02 9.76
N VAL A 51 -22.27 -4.06 8.89
CA VAL A 51 -22.92 -2.76 8.92
C VAL A 51 -23.93 -2.70 7.78
N THR A 52 -25.20 -2.53 8.13
CA THR A 52 -26.27 -2.47 7.14
C THR A 52 -26.67 -1.04 6.78
N ASN A 53 -26.29 -0.08 7.61
CA ASN A 53 -26.57 1.33 7.35
C ASN A 53 -25.31 2.16 7.61
N PRO A 54 -24.57 2.54 6.54
CA PRO A 54 -24.83 2.22 5.13
C PRO A 54 -24.65 0.74 4.79
N SER A 55 -25.05 0.38 3.57
CA SER A 55 -24.99 -1.00 3.10
C SER A 55 -23.59 -1.57 2.80
N ARG A 56 -23.08 -2.36 3.74
CA ARG A 56 -21.77 -3.02 3.64
C ARG A 56 -20.62 -2.13 3.17
N PRO A 57 -20.27 -1.10 3.96
CA PRO A 57 -19.17 -0.18 3.62
C PRO A 57 -17.82 -0.88 3.74
N TRP A 58 -16.81 -0.34 3.06
CA TRP A 58 -15.48 -0.93 3.13
C TRP A 58 -14.96 -0.88 4.57
N TRP A 59 -15.31 0.17 5.30
CA TRP A 59 -14.83 0.32 6.67
C TRP A 59 -15.37 -0.59 7.77
N GLU A 60 -16.34 -1.45 7.44
CA GLU A 60 -16.86 -2.36 8.45
C GLU A 60 -15.76 -3.38 8.81
N ARG A 61 -14.80 -3.55 7.90
CA ARG A 61 -13.70 -4.49 8.12
C ARG A 61 -12.67 -3.97 9.14
N TYR A 62 -12.85 -2.74 9.60
CA TYR A 62 -11.97 -2.17 10.60
C TYR A 62 -12.66 -2.12 11.97
N GLN A 63 -13.64 -3.02 12.12
CA GLN A 63 -14.40 -3.17 13.36
C GLN A 63 -14.46 -4.67 13.68
N PRO A 64 -13.35 -5.21 14.21
CA PRO A 64 -13.20 -6.63 14.59
C PRO A 64 -14.18 -7.11 15.67
N VAL A 65 -14.58 -8.38 15.58
CA VAL A 65 -15.46 -8.97 16.59
C VAL A 65 -14.80 -10.23 17.15
N SER A 66 -13.84 -10.77 16.40
CA SER A 66 -13.09 -11.96 16.80
C SER A 66 -11.87 -12.11 15.90
N TYR A 67 -11.10 -13.18 16.11
CA TYR A 67 -9.91 -13.46 15.32
C TYR A 67 -10.06 -14.67 14.40
N LYS A 68 -11.31 -15.05 14.14
CA LYS A 68 -11.61 -16.17 13.27
C LYS A 68 -11.42 -15.67 11.84
N LEU A 69 -10.76 -16.46 11.00
CA LEU A 69 -10.51 -16.11 9.59
C LEU A 69 -11.78 -16.39 8.82
N CYS A 70 -12.70 -15.45 8.87
CA CYS A 70 -14.01 -15.61 8.24
C CYS A 70 -14.58 -14.23 7.91
N THR A 71 -14.44 -13.85 6.64
CA THR A 71 -14.89 -12.54 6.16
C THR A 71 -15.54 -12.66 4.79
N ARG A 72 -15.87 -11.52 4.19
CA ARG A 72 -16.46 -11.51 2.85
C ARG A 72 -15.42 -11.93 1.81
N SER A 73 -14.14 -11.87 2.18
CA SER A 73 -13.06 -12.29 1.29
C SER A 73 -12.96 -13.82 1.26
N GLY A 74 -13.46 -14.47 2.30
CA GLY A 74 -13.42 -15.91 2.36
C GLY A 74 -13.25 -16.50 3.76
N ASN A 75 -13.18 -17.83 3.81
CA ASN A 75 -13.01 -18.56 5.07
C ASN A 75 -11.56 -18.99 5.27
N GLU A 76 -11.27 -19.66 6.39
CA GLU A 76 -9.91 -20.10 6.68
C GLU A 76 -9.32 -21.02 5.62
N ASN A 77 -10.14 -21.93 5.12
CA ASN A 77 -9.74 -22.88 4.08
C ASN A 77 -9.21 -22.14 2.84
N GLU A 78 -9.99 -21.17 2.36
CA GLU A 78 -9.63 -20.38 1.19
C GLU A 78 -8.42 -19.47 1.46
N PHE A 79 -8.28 -19.02 2.69
CA PHE A 79 -7.16 -18.16 3.08
C PHE A 79 -5.87 -18.96 3.04
N ARG A 80 -5.89 -20.17 3.61
CA ARG A 80 -4.71 -21.04 3.62
C ARG A 80 -4.28 -21.40 2.20
N ASP A 81 -5.27 -21.73 1.37
CA ASP A 81 -5.03 -22.09 -0.03
C ASP A 81 -4.36 -20.93 -0.79
N MET A 82 -4.83 -19.72 -0.53
CA MET A 82 -4.30 -18.52 -1.18
C MET A 82 -2.82 -18.31 -0.79
N VAL A 83 -2.54 -18.40 0.51
CA VAL A 83 -1.18 -18.21 1.00
C VAL A 83 -0.22 -19.24 0.41
N THR A 84 -0.65 -20.50 0.41
CA THR A 84 0.14 -21.59 -0.15
C THR A 84 0.42 -21.39 -1.63
N ARG A 85 -0.64 -21.15 -2.41
CA ARG A 85 -0.50 -20.96 -3.85
C ARG A 85 0.37 -19.78 -4.25
N CYS A 86 0.25 -18.67 -3.52
CA CYS A 86 1.04 -17.48 -3.80
C CYS A 86 2.51 -17.71 -3.44
N ASN A 87 2.76 -18.32 -2.28
CA ASN A 87 4.14 -18.60 -1.85
C ASN A 87 4.84 -19.52 -2.84
N ASN A 88 4.10 -20.48 -3.39
CA ASN A 88 4.65 -21.43 -4.35
C ASN A 88 5.10 -20.81 -5.67
N VAL A 89 4.61 -19.61 -5.99
CA VAL A 89 5.01 -18.91 -7.21
C VAL A 89 5.87 -17.67 -6.91
N GLY A 90 6.37 -17.60 -5.69
CA GLY A 90 7.22 -16.49 -5.29
C GLY A 90 6.58 -15.18 -4.92
N VAL A 91 5.30 -15.20 -4.60
CA VAL A 91 4.57 -13.99 -4.21
C VAL A 91 4.19 -14.09 -2.73
N ARG A 92 4.68 -13.16 -1.92
CA ARG A 92 4.40 -13.16 -0.48
C ARG A 92 3.04 -12.55 -0.13
N ILE A 93 2.57 -12.85 1.08
CA ILE A 93 1.30 -12.32 1.57
C ILE A 93 1.56 -11.52 2.86
N TYR A 94 1.01 -10.31 2.91
CA TYR A 94 1.16 -9.45 4.08
C TYR A 94 -0.23 -9.12 4.62
N VAL A 95 -0.45 -9.43 5.88
CA VAL A 95 -1.75 -9.20 6.51
C VAL A 95 -1.95 -7.86 7.19
N ASP A 96 -3.13 -7.29 6.96
CA ASP A 96 -3.54 -6.01 7.56
C ASP A 96 -4.04 -6.40 8.95
N ALA A 97 -3.21 -6.14 9.97
CA ALA A 97 -3.54 -6.48 11.34
C ALA A 97 -4.22 -5.35 12.12
N VAL A 98 -5.51 -5.51 12.36
CA VAL A 98 -6.29 -4.52 13.09
C VAL A 98 -6.26 -4.99 14.55
N ILE A 99 -5.35 -4.41 15.34
CA ILE A 99 -5.18 -4.82 16.72
C ILE A 99 -5.34 -3.75 17.79
N ASN A 100 -5.65 -2.52 17.38
CA ASN A 100 -5.82 -1.42 18.33
C ASN A 100 -7.20 -1.42 18.99
N HIS A 101 -8.19 -1.94 18.29
CA HIS A 101 -9.55 -1.90 18.77
C HIS A 101 -10.42 -3.04 18.27
N MET A 102 -11.66 -3.04 18.75
CA MET A 102 -12.66 -4.02 18.33
C MET A 102 -13.71 -3.23 17.56
N CYS A 103 -15.00 -3.56 17.73
CA CYS A 103 -16.07 -2.86 17.01
C CYS A 103 -16.50 -1.56 17.69
N GLY A 104 -17.42 -0.84 17.06
CA GLY A 104 -17.92 0.41 17.61
C GLY A 104 -18.69 0.26 18.91
N SER A 105 -18.38 1.11 19.87
CA SER A 105 -19.01 1.08 21.20
C SER A 105 -20.53 1.30 21.17
N GLY A 106 -21.01 1.97 20.12
CA GLY A 106 -22.43 2.23 20.00
C GLY A 106 -23.14 1.28 19.05
N ALA A 107 -22.54 0.12 18.82
CA ALA A 107 -23.12 -0.88 17.92
C ALA A 107 -24.10 -1.76 18.69
N ALA A 108 -25.04 -2.36 17.97
CA ALA A 108 -26.04 -3.23 18.58
C ALA A 108 -25.45 -4.58 18.96
N ALA A 109 -26.04 -5.20 19.98
CA ALA A 109 -25.59 -6.50 20.43
C ALA A 109 -26.30 -7.59 19.61
N GLY A 110 -25.57 -8.64 19.27
CA GLY A 110 -26.16 -9.72 18.50
C GLY A 110 -25.15 -10.51 17.70
N THR A 111 -25.63 -11.22 16.69
CA THR A 111 -24.77 -12.04 15.83
C THR A 111 -24.66 -11.47 14.42
N GLY A 112 -24.82 -10.16 14.30
CA GLY A 112 -24.71 -9.49 13.01
C GLY A 112 -23.23 -9.32 12.71
N THR A 113 -22.57 -10.44 12.46
CA THR A 113 -21.14 -10.50 12.21
C THR A 113 -20.88 -11.41 11.00
N THR A 114 -19.71 -11.26 10.38
CA THR A 114 -19.38 -12.05 9.19
C THR A 114 -19.25 -13.57 9.39
N CYS A 115 -19.22 -14.02 10.64
CA CYS A 115 -19.12 -15.45 10.90
C CYS A 115 -20.12 -15.97 11.93
N GLY A 116 -21.01 -15.10 12.39
CA GLY A 116 -22.01 -15.51 13.36
C GLY A 116 -21.61 -15.40 14.83
N SER A 117 -20.42 -14.88 15.12
CA SER A 117 -19.98 -14.74 16.51
C SER A 117 -20.83 -13.68 17.19
N TYR A 118 -21.00 -13.82 18.49
CA TYR A 118 -21.77 -12.86 19.27
C TYR A 118 -20.86 -11.82 19.89
N CYS A 119 -21.39 -10.62 20.10
CA CYS A 119 -20.66 -9.53 20.72
C CYS A 119 -21.65 -8.53 21.29
N ASN A 120 -21.25 -7.88 22.37
CA ASN A 120 -22.09 -6.88 23.02
C ASN A 120 -21.20 -5.70 23.39
N PRO A 121 -21.11 -4.70 22.50
CA PRO A 121 -20.32 -3.49 22.69
C PRO A 121 -20.62 -2.76 23.99
N GLY A 122 -21.91 -2.69 24.35
CA GLY A 122 -22.32 -2.01 25.56
C GLY A 122 -21.72 -2.61 26.82
N SER A 123 -21.62 -3.93 26.86
CA SER A 123 -21.06 -4.62 28.01
C SER A 123 -19.60 -5.05 27.78
N ARG A 124 -19.03 -4.64 26.64
CA ARG A 124 -17.65 -4.98 26.25
C ARG A 124 -17.42 -6.49 26.29
N GLU A 125 -18.39 -7.23 25.75
CA GLU A 125 -18.33 -8.68 25.75
C GLU A 125 -18.07 -9.26 24.35
N PHE A 126 -16.96 -9.97 24.21
CA PHE A 126 -16.57 -10.61 22.95
C PHE A 126 -16.22 -12.07 23.27
N PRO A 127 -17.24 -12.93 23.47
CA PRO A 127 -17.14 -14.35 23.79
C PRO A 127 -16.23 -15.18 22.89
N ALA A 128 -16.20 -14.86 21.61
CA ALA A 128 -15.39 -15.59 20.64
C ALA A 128 -13.87 -15.41 20.77
N VAL A 129 -13.42 -14.41 21.52
CA VAL A 129 -11.99 -14.18 21.68
C VAL A 129 -11.35 -15.04 22.78
N PRO A 130 -11.74 -14.87 24.06
CA PRO A 130 -12.72 -13.93 24.62
C PRO A 130 -12.13 -12.66 25.24
N TYR A 131 -12.91 -11.58 25.14
CA TYR A 131 -12.53 -10.29 25.73
C TYR A 131 -13.69 -9.89 26.64
N SER A 132 -13.35 -9.22 27.74
CA SER A 132 -14.33 -8.75 28.72
C SER A 132 -14.12 -7.26 28.94
N ALA A 133 -14.95 -6.67 29.80
CA ALA A 133 -14.88 -5.25 30.11
C ALA A 133 -13.52 -4.71 30.53
N TRP A 134 -12.73 -5.51 31.25
CA TRP A 134 -11.43 -5.04 31.70
C TRP A 134 -10.28 -5.19 30.70
N ASP A 135 -10.59 -5.63 29.49
CA ASP A 135 -9.61 -5.78 28.44
C ASP A 135 -9.59 -4.52 27.57
N PHE A 136 -10.32 -3.49 28.02
CA PHE A 136 -10.42 -2.22 27.30
C PHE A 136 -9.95 -1.03 28.13
N ASN A 137 -9.64 0.07 27.45
CA ASN A 137 -9.15 1.30 28.08
C ASN A 137 -10.17 2.33 28.58
N ASP A 138 -11.41 1.91 28.80
CA ASP A 138 -12.44 2.84 29.26
C ASP A 138 -12.02 3.77 30.41
N GLY A 139 -11.51 3.20 31.49
CA GLY A 139 -11.08 4.00 32.63
C GLY A 139 -9.74 4.70 32.48
N LYS A 140 -9.01 4.38 31.42
CA LYS A 140 -7.70 4.97 31.16
C LYS A 140 -7.78 6.31 30.42
N CYS A 141 -8.82 6.47 29.59
CA CYS A 141 -9.03 7.70 28.82
C CYS A 141 -9.55 8.83 29.72
N LYS A 142 -8.97 10.02 29.57
CA LYS A 142 -9.35 11.16 30.41
C LYS A 142 -10.20 12.26 29.76
N THR A 143 -10.63 12.05 28.51
CA THR A 143 -11.45 13.06 27.85
C THR A 143 -12.91 12.97 28.27
N ALA A 144 -13.62 14.08 28.14
CA ALA A 144 -15.02 14.16 28.51
C ALA A 144 -15.89 13.28 27.60
N SER A 145 -15.50 13.18 26.33
CA SER A 145 -16.25 12.38 25.37
C SER A 145 -15.83 10.91 25.31
N GLY A 146 -14.63 10.62 25.81
CA GLY A 146 -14.13 9.25 25.79
C GLY A 146 -13.41 8.97 24.48
N GLY A 147 -13.43 9.95 23.58
CA GLY A 147 -12.78 9.81 22.28
C GLY A 147 -11.59 10.74 22.15
N ILE A 148 -10.92 10.68 21.00
CA ILE A 148 -9.76 11.52 20.73
C ILE A 148 -10.21 12.94 20.36
N GLU A 149 -10.00 13.87 21.27
CA GLU A 149 -10.40 15.26 21.07
C GLU A 149 -9.27 16.17 20.58
N SER A 150 -8.03 15.76 20.82
CA SER A 150 -6.87 16.55 20.42
C SER A 150 -5.66 15.67 20.09
N TYR A 151 -5.05 15.93 18.95
CA TYR A 151 -3.89 15.16 18.52
C TYR A 151 -2.57 15.74 19.02
N ASN A 152 -2.66 16.70 19.94
CA ASN A 152 -1.49 17.31 20.53
C ASN A 152 -1.19 16.71 21.90
N ASP A 153 -1.99 15.72 22.28
CA ASP A 153 -1.82 15.01 23.54
C ASP A 153 -1.71 13.54 23.19
N PRO A 154 -0.49 12.97 23.28
CA PRO A 154 -0.22 11.57 22.98
C PRO A 154 -1.01 10.56 23.81
N TYR A 155 -1.37 10.92 25.03
CA TYR A 155 -2.14 10.04 25.90
C TYR A 155 -3.53 9.72 25.37
N GLN A 156 -4.30 10.74 25.04
CA GLN A 156 -5.65 10.50 24.54
C GLN A 156 -5.67 9.87 23.15
N VAL A 157 -4.63 10.13 22.35
CA VAL A 157 -4.55 9.55 21.01
C VAL A 157 -4.44 8.03 21.12
N ARG A 158 -3.67 7.57 22.09
CA ARG A 158 -3.45 6.14 22.30
C ARG A 158 -4.36 5.43 23.28
N ASP A 159 -4.92 6.16 24.24
CA ASP A 159 -5.77 5.54 25.26
C ASP A 159 -7.27 5.73 25.07
N CYS A 160 -7.65 6.65 24.18
CA CYS A 160 -9.06 6.91 23.94
C CYS A 160 -9.60 6.25 22.68
N GLN A 161 -10.92 6.23 22.56
CA GLN A 161 -11.59 5.59 21.43
C GLN A 161 -11.43 6.34 20.12
N LEU A 162 -10.86 5.65 19.13
CA LEU A 162 -10.67 6.17 17.79
C LEU A 162 -12.05 6.04 17.14
N VAL A 163 -12.67 7.17 16.79
CA VAL A 163 -13.99 7.22 16.19
C VAL A 163 -15.01 6.25 16.83
N GLY A 164 -15.02 6.26 18.16
CA GLY A 164 -15.94 5.42 18.91
C GLY A 164 -15.66 3.93 18.95
N LEU A 165 -14.48 3.51 18.50
CA LEU A 165 -14.14 2.09 18.51
C LEU A 165 -13.57 1.69 19.88
N LEU A 166 -14.06 0.59 20.43
CA LEU A 166 -13.60 0.10 21.74
C LEU A 166 -12.09 -0.12 21.70
N ASP A 167 -11.38 0.63 22.54
CA ASP A 167 -9.93 0.60 22.58
C ASP A 167 -9.34 -0.50 23.48
N LEU A 168 -8.61 -1.44 22.88
CA LEU A 168 -8.00 -2.55 23.63
C LEU A 168 -6.87 -2.12 24.57
N ALA A 169 -6.84 -2.71 25.77
CA ALA A 169 -5.81 -2.40 26.76
C ALA A 169 -4.54 -3.20 26.45
N LEU A 170 -3.79 -2.72 25.46
CA LEU A 170 -2.57 -3.37 25.02
C LEU A 170 -1.42 -3.47 26.00
N GLU A 171 -1.57 -2.90 27.20
CA GLU A 171 -0.51 -3.00 28.20
C GLU A 171 -0.62 -4.34 28.94
N LYS A 172 -1.80 -4.94 28.87
CA LYS A 172 -2.07 -6.23 29.54
C LYS A 172 -1.53 -7.43 28.76
N ASP A 173 -0.89 -8.36 29.47
CA ASP A 173 -0.36 -9.55 28.81
C ASP A 173 -1.46 -10.40 28.21
N TYR A 174 -2.63 -10.39 28.84
CA TYR A 174 -3.77 -11.16 28.34
C TYR A 174 -4.07 -10.71 26.91
N VAL A 175 -4.18 -9.40 26.72
CA VAL A 175 -4.48 -8.83 25.41
C VAL A 175 -3.31 -9.03 24.44
N ARG A 176 -2.10 -8.74 24.91
CA ARG A 176 -0.89 -8.89 24.10
C ARG A 176 -0.75 -10.32 23.57
N SER A 177 -0.97 -11.31 24.43
CA SER A 177 -0.87 -12.72 24.08
C SER A 177 -1.97 -13.17 23.13
N MET A 178 -3.18 -12.67 23.36
CA MET A 178 -4.32 -13.04 22.51
C MET A 178 -4.05 -12.57 21.08
N ILE A 179 -3.49 -11.37 20.95
CA ILE A 179 -3.16 -10.81 19.64
C ILE A 179 -1.99 -11.55 19.01
N ALA A 180 -0.97 -11.85 19.80
CA ALA A 180 0.21 -12.56 19.31
C ALA A 180 -0.13 -13.96 18.80
N ASP A 181 -1.06 -14.65 19.47
CA ASP A 181 -1.47 -15.99 19.06
C ASP A 181 -2.20 -15.93 17.72
N TYR A 182 -2.95 -14.85 17.49
CA TYR A 182 -3.67 -14.66 16.23
C TYR A 182 -2.66 -14.43 15.10
N LEU A 183 -1.66 -13.58 15.39
CA LEU A 183 -0.63 -13.27 14.40
C LEU A 183 0.25 -14.48 14.11
N ASN A 184 0.54 -15.27 15.14
CA ASN A 184 1.35 -16.48 14.99
C ASN A 184 0.65 -17.56 14.16
N LYS A 185 -0.67 -17.63 14.25
CA LYS A 185 -1.45 -18.58 13.47
C LYS A 185 -1.24 -18.22 11.99
N LEU A 186 -1.27 -16.93 11.70
CA LEU A 186 -1.07 -16.41 10.35
C LEU A 186 0.35 -16.72 9.84
N ILE A 187 1.34 -16.51 10.69
CA ILE A 187 2.74 -16.79 10.34
C ILE A 187 2.94 -18.27 10.02
N ASP A 188 2.33 -19.14 10.82
CA ASP A 188 2.44 -20.58 10.63
C ASP A 188 1.78 -21.01 9.33
N ILE A 189 0.75 -20.29 8.91
CA ILE A 189 0.07 -20.58 7.65
C ILE A 189 1.01 -20.25 6.48
N GLY A 190 1.85 -19.24 6.67
CA GLY A 190 2.79 -18.86 5.62
C GLY A 190 2.90 -17.37 5.31
N VAL A 191 2.20 -16.54 6.07
CA VAL A 191 2.25 -15.08 5.87
C VAL A 191 3.65 -14.56 6.15
N ALA A 192 4.11 -13.61 5.34
CA ALA A 192 5.46 -13.04 5.45
C ALA A 192 5.61 -11.82 6.35
N GLY A 193 4.51 -11.11 6.59
CA GLY A 193 4.60 -9.93 7.43
C GLY A 193 3.26 -9.28 7.69
N PHE A 194 3.28 -8.12 8.34
CA PHE A 194 2.05 -7.43 8.69
C PHE A 194 2.10 -5.92 8.57
N ARG A 195 0.94 -5.37 8.25
CA ARG A 195 0.73 -3.94 8.21
C ARG A 195 0.03 -3.77 9.56
N ILE A 196 0.64 -3.03 10.49
CA ILE A 196 0.01 -2.82 11.79
C ILE A 196 -0.89 -1.60 11.69
N ASP A 197 -2.19 -1.85 11.61
CA ASP A 197 -3.19 -0.80 11.51
C ASP A 197 -3.23 0.12 12.72
N ALA A 198 -3.46 1.41 12.47
CA ALA A 198 -3.55 2.44 13.51
C ALA A 198 -2.44 2.38 14.56
N SER A 199 -1.20 2.19 14.12
CA SER A 199 -0.06 2.11 15.04
C SER A 199 0.11 3.38 15.86
N LYS A 200 -0.32 4.50 15.29
CA LYS A 200 -0.23 5.80 15.94
C LYS A 200 -1.08 5.82 17.22
N HIS A 201 -2.13 5.01 17.23
CA HIS A 201 -3.05 4.93 18.37
C HIS A 201 -2.70 3.88 19.42
N MET A 202 -1.46 3.38 19.35
CA MET A 202 -0.96 2.41 20.30
C MET A 202 0.43 2.87 20.73
N TRP A 203 0.83 2.51 21.95
CA TRP A 203 2.14 2.87 22.46
C TRP A 203 3.20 2.01 21.79
N PRO A 204 4.31 2.62 21.33
CA PRO A 204 5.40 1.88 20.68
C PRO A 204 5.84 0.67 21.49
N GLY A 205 5.85 0.82 22.81
CA GLY A 205 6.25 -0.25 23.70
C GLY A 205 5.29 -1.42 23.73
N ASP A 206 3.99 -1.15 23.60
CA ASP A 206 2.99 -2.22 23.60
C ASP A 206 3.09 -3.05 22.33
N ILE A 207 3.30 -2.37 21.21
CA ILE A 207 3.44 -3.03 19.92
C ILE A 207 4.68 -3.93 19.96
N LYS A 208 5.78 -3.40 20.48
CA LYS A 208 7.03 -4.14 20.61
C LYS A 208 6.83 -5.42 21.42
N ALA A 209 6.03 -5.33 22.48
CA ALA A 209 5.76 -6.49 23.34
C ALA A 209 5.04 -7.61 22.57
N VAL A 210 4.14 -7.23 21.66
CA VAL A 210 3.42 -8.19 20.85
C VAL A 210 4.37 -8.82 19.84
N LEU A 211 5.20 -7.99 19.20
CA LEU A 211 6.16 -8.44 18.19
C LEU A 211 7.21 -9.38 18.74
N ASP A 212 7.56 -9.21 20.02
CA ASP A 212 8.56 -10.07 20.66
C ASP A 212 8.00 -11.47 20.90
N LYS A 213 6.69 -11.62 20.80
CA LYS A 213 6.04 -12.91 20.99
C LYS A 213 5.87 -13.69 19.68
N LEU A 214 6.17 -13.05 18.56
CA LEU A 214 6.01 -13.70 17.25
C LEU A 214 7.08 -14.72 16.86
N HIS A 215 6.62 -15.79 16.20
CA HIS A 215 7.48 -16.86 15.74
C HIS A 215 8.26 -16.46 14.50
N ASN A 216 9.25 -17.29 14.14
CA ASN A 216 10.03 -17.07 12.93
C ASN A 216 9.12 -17.50 11.78
N LEU A 217 9.43 -17.08 10.57
CA LEU A 217 8.60 -17.44 9.42
C LEU A 217 8.67 -18.94 9.11
N ASN A 218 7.68 -19.40 8.36
CA ASN A 218 7.56 -20.80 7.96
C ASN A 218 8.77 -21.27 7.13
N THR A 219 9.45 -22.31 7.61
CA THR A 219 10.64 -22.84 6.93
C THR A 219 10.39 -23.50 5.58
N ASN A 220 9.12 -23.71 5.23
CA ASN A 220 8.79 -24.30 3.93
C ASN A 220 8.98 -23.31 2.79
N TRP A 221 9.03 -22.02 3.10
CA TRP A 221 9.21 -21.00 2.07
C TRP A 221 10.27 -19.97 2.42
N PHE A 222 10.59 -19.86 3.70
CA PHE A 222 11.57 -18.88 4.16
C PHE A 222 12.80 -19.50 4.82
N PRO A 223 13.96 -18.82 4.73
CA PRO A 223 15.21 -19.30 5.32
C PRO A 223 15.03 -19.36 6.84
N ALA A 224 15.84 -20.18 7.51
CA ALA A 224 15.75 -20.30 8.96
C ALA A 224 16.08 -18.97 9.63
N GLY A 225 15.43 -18.72 10.76
CA GLY A 225 15.67 -17.49 11.50
C GLY A 225 15.11 -16.22 10.87
N SER A 226 14.17 -16.37 9.94
CA SER A 226 13.57 -15.21 9.28
C SER A 226 12.51 -14.57 10.15
N ARG A 227 12.60 -13.25 10.31
CA ARG A 227 11.64 -12.48 11.10
C ARG A 227 10.58 -11.89 10.18
N PRO A 228 9.32 -11.81 10.64
CA PRO A 228 8.28 -11.23 9.79
C PRO A 228 8.51 -9.76 9.48
N PHE A 229 8.15 -9.37 8.25
CA PHE A 229 8.28 -7.98 7.80
C PHE A 229 7.21 -7.19 8.54
N ILE A 230 7.59 -6.04 9.09
CA ILE A 230 6.65 -5.21 9.82
C ILE A 230 6.61 -3.78 9.31
N PHE A 231 5.43 -3.30 8.93
CA PHE A 231 5.26 -1.92 8.52
C PHE A 231 4.05 -1.35 9.24
N GLN A 232 4.31 -0.34 10.04
CA GLN A 232 3.32 0.32 10.89
C GLN A 232 2.65 1.53 10.25
N GLU A 233 1.33 1.59 10.34
CA GLU A 233 0.61 2.73 9.81
C GLU A 233 0.62 3.86 10.82
N VAL A 234 1.49 4.83 10.58
CA VAL A 234 1.58 6.00 11.44
C VAL A 234 1.47 7.23 10.55
N ILE A 235 0.35 7.93 10.67
CA ILE A 235 0.12 9.15 9.90
C ILE A 235 0.83 10.31 10.58
N ASP A 236 1.93 10.76 10.00
CA ASP A 236 2.70 11.86 10.56
C ASP A 236 3.14 12.84 9.48
N LEU A 237 2.36 13.91 9.33
CA LEU A 237 2.68 14.96 8.35
C LEU A 237 3.32 16.14 9.08
N GLY A 238 3.62 15.94 10.37
CA GLY A 238 4.22 16.99 11.18
C GLY A 238 3.16 17.81 11.89
N GLY A 239 3.58 18.63 12.85
CA GLY A 239 2.66 19.48 13.57
C GLY A 239 1.87 18.84 14.70
N GLU A 240 2.12 17.56 14.97
CA GLU A 240 1.43 16.87 16.05
C GLU A 240 2.43 16.34 17.08
N ALA A 241 1.92 15.86 18.20
CA ALA A 241 2.77 15.35 19.29
C ALA A 241 3.50 14.05 18.97
N ILE A 242 2.84 13.18 18.22
CA ILE A 242 3.42 11.89 17.86
C ILE A 242 4.21 11.94 16.55
N LYS A 243 5.40 11.33 16.58
CA LYS A 243 6.27 11.30 15.41
C LYS A 243 6.57 9.87 14.96
N SER A 244 6.79 9.72 13.66
CA SER A 244 7.09 8.42 13.04
C SER A 244 8.32 7.73 13.63
N SER A 245 9.31 8.53 14.02
CA SER A 245 10.54 8.02 14.61
C SER A 245 10.34 7.21 15.90
N GLU A 246 9.26 7.47 16.61
CA GLU A 246 8.96 6.75 17.86
C GLU A 246 8.72 5.25 17.59
N TYR A 247 8.43 4.93 16.33
CA TYR A 247 8.14 3.55 15.94
C TYR A 247 9.23 2.84 15.16
N PHE A 248 10.35 3.52 14.91
CA PHE A 248 11.45 2.93 14.15
C PHE A 248 12.00 1.63 14.72
N GLY A 249 11.91 1.48 16.04
CA GLY A 249 12.41 0.28 16.70
C GLY A 249 11.64 -0.99 16.47
N ASN A 250 10.38 -0.87 16.02
CA ASN A 250 9.52 -2.03 15.77
C ASN A 250 9.58 -2.55 14.34
N GLY A 251 9.91 -1.68 13.41
CA GLY A 251 9.97 -2.08 12.00
C GLY A 251 9.79 -0.86 11.12
N ARG A 252 9.39 -1.07 9.87
CA ARG A 252 9.19 0.04 8.96
C ARG A 252 7.94 0.85 9.30
N VAL A 253 7.87 2.06 8.76
CA VAL A 253 6.74 2.96 8.99
C VAL A 253 6.28 3.56 7.67
N THR A 254 4.98 3.80 7.57
CA THR A 254 4.39 4.40 6.38
C THR A 254 4.80 5.87 6.33
N GLU A 255 5.36 6.29 5.21
CA GLU A 255 5.77 7.67 5.05
C GLU A 255 4.68 8.40 4.26
N PHE A 256 3.71 8.97 4.98
CA PHE A 256 2.61 9.68 4.36
C PHE A 256 2.99 11.02 3.73
N LYS A 257 4.16 11.55 4.11
CA LYS A 257 4.62 12.80 3.52
C LYS A 257 4.98 12.59 2.05
N TYR A 258 5.40 11.38 1.72
CA TYR A 258 5.80 11.00 0.37
C TYR A 258 4.72 11.30 -0.67
N GLY A 259 3.55 10.68 -0.51
CA GLY A 259 2.45 10.89 -1.44
C GLY A 259 1.85 12.28 -1.43
N ALA A 260 1.84 12.91 -0.26
CA ALA A 260 1.29 14.26 -0.12
C ALA A 260 2.14 15.27 -0.88
N LYS A 261 3.46 15.15 -0.76
CA LYS A 261 4.37 16.06 -1.44
C LYS A 261 4.55 15.75 -2.93
N LEU A 262 4.57 14.47 -3.28
CA LEU A 262 4.72 14.07 -4.68
C LEU A 262 3.50 14.56 -5.45
N GLY A 263 2.31 14.40 -4.85
CA GLY A 263 1.08 14.83 -5.46
C GLY A 263 1.09 16.32 -5.74
N THR A 264 1.55 17.11 -4.78
CA THR A 264 1.62 18.56 -4.92
C THR A 264 2.56 18.96 -6.05
N VAL A 265 3.69 18.28 -6.15
CA VAL A 265 4.67 18.55 -7.20
C VAL A 265 4.16 18.22 -8.60
N VAL A 266 3.60 17.03 -8.77
CA VAL A 266 3.07 16.62 -10.07
C VAL A 266 1.88 17.47 -10.53
N ARG A 267 1.04 17.89 -9.59
CA ARG A 267 -0.11 18.74 -9.94
C ARG A 267 0.35 20.17 -10.21
N LYS A 268 1.61 20.46 -9.86
CA LYS A 268 2.23 21.76 -10.04
C LYS A 268 1.54 22.86 -9.23
N TRP A 269 1.17 22.50 -7.99
CA TRP A 269 0.52 23.41 -7.06
C TRP A 269 1.56 24.06 -6.14
N SER A 270 1.16 25.18 -5.53
CA SER A 270 2.00 25.93 -4.59
C SER A 270 3.42 26.23 -5.04
N GLY A 271 3.60 26.49 -6.33
CA GLY A 271 4.91 26.79 -6.87
C GLY A 271 5.91 25.65 -6.99
N GLU A 272 5.46 24.43 -6.75
CA GLU A 272 6.34 23.27 -6.83
C GLU A 272 6.62 22.91 -8.29
N LYS A 273 7.83 22.43 -8.54
CA LYS A 273 8.27 22.03 -9.89
C LYS A 273 8.93 20.66 -9.77
N MET A 274 8.93 19.90 -10.87
CA MET A 274 9.54 18.58 -10.87
C MET A 274 11.06 18.63 -10.76
N SER A 275 11.65 19.75 -11.18
CA SER A 275 13.10 19.92 -11.11
C SER A 275 13.56 19.95 -9.65
N TYR A 276 12.63 20.21 -8.75
CA TYR A 276 12.93 20.25 -7.32
C TYR A 276 13.13 18.85 -6.72
N LEU A 277 12.73 17.82 -7.46
CA LEU A 277 12.85 16.44 -7.01
C LEU A 277 14.26 15.86 -7.09
N LYS A 278 15.26 16.67 -7.46
CA LYS A 278 16.63 16.17 -7.55
C LYS A 278 17.11 15.54 -6.23
N ASN A 279 16.78 16.19 -5.12
CA ASN A 279 17.16 15.70 -3.79
C ASN A 279 16.02 14.98 -3.06
N TRP A 280 15.12 14.39 -3.86
CA TRP A 280 13.96 13.65 -3.35
C TRP A 280 14.40 12.58 -2.36
N GLY A 281 13.65 12.44 -1.27
CA GLY A 281 13.96 11.47 -0.25
C GLY A 281 14.18 12.16 1.08
N GLU A 282 15.25 11.78 1.78
CA GLU A 282 15.58 12.35 3.07
C GLU A 282 15.85 13.86 2.98
N GLY A 283 16.25 14.31 1.79
CA GLY A 283 16.52 15.72 1.58
C GLY A 283 15.25 16.55 1.71
N TRP A 284 14.10 15.91 1.54
CA TRP A 284 12.81 16.58 1.66
C TRP A 284 12.18 16.46 3.05
N GLY A 285 12.95 15.96 4.01
CA GLY A 285 12.45 15.81 5.36
C GLY A 285 11.76 14.48 5.65
N PHE A 286 11.96 13.50 4.78
CA PHE A 286 11.36 12.18 4.94
C PHE A 286 12.22 11.34 5.89
N MET A 287 11.61 10.30 6.45
CA MET A 287 12.31 9.40 7.36
C MET A 287 13.40 8.66 6.59
N PRO A 288 14.27 7.91 7.29
CA PRO A 288 15.34 7.19 6.57
C PRO A 288 14.77 6.21 5.53
N SER A 289 15.48 6.05 4.41
CA SER A 289 15.04 5.16 3.35
C SER A 289 14.79 3.71 3.83
N ASP A 290 15.70 3.19 4.64
CA ASP A 290 15.59 1.82 5.15
C ASP A 290 14.50 1.61 6.21
N ARG A 291 13.76 2.66 6.55
CA ARG A 291 12.68 2.55 7.53
C ARG A 291 11.33 2.83 6.87
N ALA A 292 11.34 3.30 5.64
CA ALA A 292 10.11 3.69 4.97
C ALA A 292 9.43 2.74 3.99
N LEU A 293 8.11 2.80 4.02
CA LEU A 293 7.25 2.07 3.10
C LEU A 293 6.55 3.23 2.39
N VAL A 294 6.78 3.35 1.09
CA VAL A 294 6.21 4.45 0.32
C VAL A 294 5.08 4.02 -0.61
N PHE A 295 4.26 4.99 -0.99
CA PHE A 295 3.11 4.78 -1.86
C PHE A 295 2.58 6.15 -2.29
N VAL A 296 1.88 6.18 -3.42
CA VAL A 296 1.30 7.43 -3.92
C VAL A 296 0.00 7.66 -3.16
N ASP A 297 -0.84 6.64 -3.15
CA ASP A 297 -2.12 6.72 -2.43
C ASP A 297 -2.36 5.39 -1.73
N ASN A 298 -3.25 5.40 -0.74
CA ASN A 298 -3.60 4.17 -0.04
C ASN A 298 -5.12 4.07 -0.01
N HIS A 299 -5.65 2.98 0.55
CA HIS A 299 -7.09 2.78 0.58
C HIS A 299 -7.86 3.88 1.30
N ASP A 300 -7.22 4.51 2.28
CA ASP A 300 -7.84 5.59 3.03
C ASP A 300 -7.89 6.92 2.28
N ASN A 301 -6.72 7.50 2.03
CA ASN A 301 -6.67 8.80 1.37
C ASN A 301 -7.12 8.93 -0.06
N GLN A 302 -7.33 7.81 -0.75
CA GLN A 302 -7.80 7.87 -2.13
C GLN A 302 -9.28 8.26 -2.14
N ARG A 303 -9.92 8.16 -0.97
CA ARG A 303 -11.33 8.49 -0.81
C ARG A 303 -11.59 9.50 0.33
N GLY A 304 -10.57 10.30 0.66
CA GLY A 304 -10.72 11.32 1.67
C GLY A 304 -10.69 10.88 3.14
N HIS A 305 -10.37 9.61 3.38
CA HIS A 305 -10.30 9.10 4.75
C HIS A 305 -8.87 9.22 5.28
N GLY A 306 -8.69 8.92 6.56
CA GLY A 306 -7.38 9.02 7.17
C GLY A 306 -7.04 10.50 7.26
N ALA A 307 -5.84 10.87 6.79
CA ALA A 307 -5.42 12.27 6.80
C ALA A 307 -5.96 12.97 5.56
N GLY A 308 -6.41 12.19 4.58
CA GLY A 308 -6.93 12.76 3.34
C GLY A 308 -5.89 13.54 2.56
N GLY A 309 -6.27 14.75 2.14
CA GLY A 309 -5.37 15.60 1.40
C GLY A 309 -5.83 15.77 -0.04
N SER A 310 -5.95 17.02 -0.48
CA SER A 310 -6.38 17.34 -1.84
C SER A 310 -5.37 17.00 -2.92
N SER A 311 -4.08 17.00 -2.55
CA SER A 311 -3.01 16.74 -3.52
C SER A 311 -2.82 15.27 -3.88
N ILE A 312 -3.41 14.37 -3.08
CA ILE A 312 -3.28 12.94 -3.31
C ILE A 312 -3.75 12.54 -4.72
N LEU A 313 -2.86 11.86 -5.47
CA LEU A 313 -3.19 11.38 -6.81
C LEU A 313 -3.73 9.96 -6.73
N THR A 314 -4.78 9.70 -7.50
CA THR A 314 -5.44 8.39 -7.53
C THR A 314 -5.71 7.98 -8.99
N PHE A 315 -6.33 6.83 -9.18
CA PHE A 315 -6.66 6.33 -10.52
C PHE A 315 -7.63 7.28 -11.23
N TRP A 316 -8.36 8.09 -10.47
CA TRP A 316 -9.32 9.04 -11.04
C TRP A 316 -8.61 10.08 -11.91
N ASP A 317 -7.34 10.33 -11.60
CA ASP A 317 -6.51 11.25 -12.37
C ASP A 317 -5.40 10.43 -13.00
N ALA A 318 -5.82 9.44 -13.78
CA ALA A 318 -4.95 8.48 -14.47
C ALA A 318 -3.63 8.95 -15.07
N ARG A 319 -3.67 9.97 -15.93
CA ARG A 319 -2.46 10.46 -16.57
C ARG A 319 -1.37 10.89 -15.58
N LEU A 320 -1.74 11.69 -14.60
CA LEU A 320 -0.81 12.17 -13.58
C LEU A 320 -0.42 11.06 -12.60
N TYR A 321 -1.37 10.17 -12.34
CA TYR A 321 -1.16 9.05 -11.43
C TYR A 321 -0.04 8.15 -11.93
N LYS A 322 -0.05 7.87 -13.24
CA LYS A 322 0.97 7.02 -13.83
C LYS A 322 2.35 7.67 -13.78
N ILE A 323 2.40 9.00 -13.87
CA ILE A 323 3.65 9.75 -13.80
C ILE A 323 4.23 9.65 -12.39
N ALA A 324 3.36 9.85 -11.39
CA ALA A 324 3.77 9.79 -9.99
C ALA A 324 4.21 8.38 -9.59
N VAL A 325 3.44 7.38 -10.02
CA VAL A 325 3.76 5.99 -9.71
C VAL A 325 5.06 5.62 -10.42
N GLY A 326 5.22 6.11 -11.65
CA GLY A 326 6.41 5.83 -12.43
C GLY A 326 7.65 6.41 -11.77
N PHE A 327 7.53 7.62 -11.23
CA PHE A 327 8.64 8.27 -10.56
C PHE A 327 9.02 7.50 -9.30
N MET A 328 8.00 7.10 -8.53
CA MET A 328 8.22 6.35 -7.29
C MET A 328 8.95 5.02 -7.54
N LEU A 329 8.48 4.28 -8.54
CA LEU A 329 9.09 3.00 -8.90
C LEU A 329 10.52 3.13 -9.42
N ALA A 330 10.83 4.23 -10.06
CA ALA A 330 12.16 4.45 -10.60
C ALA A 330 13.16 4.99 -9.57
N HIS A 331 12.66 5.71 -8.57
CA HIS A 331 13.51 6.29 -7.53
C HIS A 331 13.87 5.27 -6.45
N PRO A 332 15.15 5.24 -6.04
CA PRO A 332 15.65 4.31 -5.03
C PRO A 332 15.13 4.45 -3.59
N TYR A 333 14.47 5.56 -3.26
CA TYR A 333 13.97 5.76 -1.91
C TYR A 333 12.84 4.81 -1.47
N GLY A 334 13.04 4.22 -0.29
CA GLY A 334 12.06 3.33 0.33
C GLY A 334 11.63 2.05 -0.34
N PHE A 335 10.72 1.33 0.33
CA PHE A 335 10.16 0.09 -0.21
C PHE A 335 8.78 0.47 -0.75
N THR A 336 8.54 0.16 -2.02
CA THR A 336 7.32 0.55 -2.70
C THR A 336 6.06 -0.33 -2.66
N ARG A 337 4.92 0.33 -2.46
CA ARG A 337 3.63 -0.34 -2.44
C ARG A 337 2.72 0.28 -3.51
N VAL A 338 2.22 -0.57 -4.39
CA VAL A 338 1.33 -0.16 -5.48
C VAL A 338 -0.12 -0.42 -5.02
N MET A 339 -1.00 0.51 -5.36
CA MET A 339 -2.41 0.42 -5.00
C MET A 339 -3.21 -0.23 -6.12
N SER A 340 -4.25 -0.99 -5.74
CA SER A 340 -5.15 -1.63 -6.70
C SER A 340 -6.52 -1.46 -6.07
N SER A 341 -7.40 -0.72 -6.74
CA SER A 341 -8.72 -0.43 -6.19
C SER A 341 -9.92 -0.79 -7.04
N TYR A 342 -11.09 -0.38 -6.55
CA TYR A 342 -12.34 -0.57 -7.24
C TYR A 342 -12.95 0.80 -7.43
N ARG A 343 -13.81 0.93 -8.43
CA ARG A 343 -14.44 2.20 -8.71
C ARG A 343 -15.80 2.30 -8.03
N TRP A 344 -16.14 3.49 -7.57
CA TRP A 344 -17.42 3.74 -6.91
C TRP A 344 -17.98 5.07 -7.41
N ALA A 345 -19.30 5.25 -7.30
CA ALA A 345 -19.93 6.49 -7.73
C ALA A 345 -19.69 7.59 -6.71
N ARG A 346 -18.94 8.61 -7.10
CA ARG A 346 -18.64 9.72 -6.21
C ARG A 346 -19.75 10.80 -6.30
N ASN A 347 -19.99 11.48 -5.19
CA ASN A 347 -21.00 12.53 -5.12
C ASN A 347 -20.44 13.64 -4.24
N PHE A 348 -19.93 14.69 -4.87
CA PHE A 348 -19.33 15.81 -4.15
C PHE A 348 -20.29 16.89 -3.68
N VAL A 349 -20.34 17.08 -2.37
CA VAL A 349 -21.17 18.13 -1.77
C VAL A 349 -20.15 18.96 -0.99
N ASN A 350 -20.08 20.25 -1.30
CA ASN A 350 -19.14 21.16 -0.65
C ASN A 350 -17.70 20.65 -0.77
N GLY A 351 -17.33 20.23 -1.98
CA GLY A 351 -15.98 19.74 -2.24
C GLY A 351 -15.57 18.46 -1.54
N GLU A 352 -16.54 17.65 -1.11
CA GLU A 352 -16.25 16.39 -0.45
C GLU A 352 -17.18 15.27 -0.90
N ASP A 353 -16.62 14.09 -1.10
CA ASP A 353 -17.39 12.94 -1.55
C ASP A 353 -18.16 12.30 -0.38
N VAL A 354 -19.49 12.33 -0.47
CA VAL A 354 -20.34 11.73 0.57
C VAL A 354 -20.63 10.26 0.32
N ASN A 355 -20.10 9.74 -0.79
CA ASN A 355 -20.27 8.34 -1.16
C ASN A 355 -18.99 7.56 -0.87
N ASP A 356 -18.12 8.14 -0.05
CA ASP A 356 -16.84 7.51 0.30
C ASP A 356 -16.97 6.25 1.15
N TRP A 357 -18.20 5.90 1.50
CA TRP A 357 -18.47 4.70 2.29
C TRP A 357 -18.64 3.46 1.42
N ILE A 358 -19.05 3.65 0.17
CA ILE A 358 -19.28 2.55 -0.76
C ILE A 358 -18.23 1.45 -0.73
N GLY A 359 -18.71 0.22 -0.51
CA GLY A 359 -17.84 -0.95 -0.45
C GLY A 359 -17.52 -1.53 -1.82
N PRO A 360 -16.77 -2.63 -1.88
CA PRO A 360 -16.38 -3.29 -3.12
C PRO A 360 -17.56 -3.80 -3.95
N PRO A 361 -17.37 -3.98 -5.26
CA PRO A 361 -18.40 -4.48 -6.18
C PRO A 361 -19.04 -5.71 -5.55
N ASN A 362 -20.37 -5.78 -5.56
CA ASN A 362 -21.07 -6.90 -4.95
C ASN A 362 -22.45 -7.16 -5.52
N ASN A 363 -22.94 -8.37 -5.25
CA ASN A 363 -24.27 -8.82 -5.66
C ASN A 363 -25.00 -9.10 -4.36
N ASN A 364 -25.70 -8.09 -3.85
CA ASN A 364 -26.46 -8.23 -2.60
C ASN A 364 -25.59 -8.60 -1.41
N GLY A 365 -24.42 -7.97 -1.31
CA GLY A 365 -23.51 -8.25 -0.20
C GLY A 365 -22.35 -9.17 -0.53
N VAL A 366 -22.50 -10.01 -1.54
CA VAL A 366 -21.44 -10.94 -1.92
C VAL A 366 -20.48 -10.26 -2.91
N ILE A 367 -19.21 -10.12 -2.52
CA ILE A 367 -18.20 -9.50 -3.35
C ILE A 367 -18.09 -10.18 -4.72
N LYS A 368 -18.10 -9.37 -5.78
CA LYS A 368 -18.00 -9.90 -7.15
C LYS A 368 -16.60 -10.39 -7.47
N GLU A 369 -16.52 -11.40 -8.34
CA GLU A 369 -15.25 -11.97 -8.75
C GLU A 369 -14.51 -11.01 -9.67
N VAL A 370 -13.18 -11.12 -9.71
CA VAL A 370 -12.37 -10.29 -10.58
C VAL A 370 -12.26 -10.98 -11.93
N THR A 371 -12.94 -10.42 -12.94
CA THR A 371 -12.91 -10.99 -14.28
C THR A 371 -11.80 -10.33 -15.07
N ILE A 372 -11.17 -11.09 -15.95
CA ILE A 372 -10.07 -10.58 -16.77
C ILE A 372 -10.47 -10.50 -18.23
N ASN A 373 -10.32 -9.30 -18.81
CA ASN A 373 -10.65 -9.06 -20.21
C ASN A 373 -9.51 -9.46 -21.13
N ALA A 374 -9.79 -9.51 -22.44
CA ALA A 374 -8.79 -9.87 -23.44
C ALA A 374 -7.56 -8.99 -23.44
N ASP A 375 -7.74 -7.71 -23.14
CA ASP A 375 -6.62 -6.75 -23.11
C ASP A 375 -5.86 -6.73 -21.78
N THR A 376 -6.14 -7.71 -20.93
CA THR A 376 -5.52 -7.88 -19.61
C THR A 376 -6.02 -6.95 -18.50
N THR A 377 -7.04 -6.15 -18.80
CA THR A 377 -7.62 -5.27 -17.77
C THR A 377 -8.68 -6.06 -17.02
N CYS A 378 -9.25 -5.47 -15.97
CA CYS A 378 -10.28 -6.16 -15.19
C CYS A 378 -11.68 -5.65 -15.44
N GLY A 379 -12.66 -6.52 -15.15
CA GLY A 379 -14.05 -6.17 -15.30
C GLY A 379 -14.67 -6.06 -13.93
N ASN A 380 -16.00 -5.92 -13.87
CA ASN A 380 -16.74 -5.81 -12.62
C ASN A 380 -16.36 -4.62 -11.73
N ASP A 381 -15.89 -3.55 -12.36
CA ASP A 381 -15.47 -2.33 -11.68
C ASP A 381 -14.21 -2.40 -10.81
N TRP A 382 -13.38 -3.41 -11.05
CA TRP A 382 -12.11 -3.53 -10.34
C TRP A 382 -11.17 -2.76 -11.27
N VAL A 383 -10.55 -1.70 -10.74
CA VAL A 383 -9.65 -0.87 -11.53
C VAL A 383 -8.37 -1.57 -11.97
N CYS A 384 -7.81 -2.39 -11.09
CA CYS A 384 -6.58 -3.14 -11.38
C CYS A 384 -5.47 -2.29 -11.97
N GLU A 385 -5.03 -1.29 -11.20
CA GLU A 385 -3.96 -0.40 -11.65
C GLU A 385 -2.69 -1.20 -11.84
N HIS A 386 -2.54 -2.28 -11.07
CA HIS A 386 -1.34 -3.12 -11.16
C HIS A 386 -1.24 -3.83 -12.51
N ARG A 387 -2.33 -3.83 -13.27
CA ARG A 387 -2.34 -4.44 -14.59
C ARG A 387 -2.16 -3.44 -15.74
N TRP A 388 -2.19 -2.14 -15.43
CA TRP A 388 -1.97 -1.12 -16.46
C TRP A 388 -0.53 -1.32 -16.91
N ARG A 389 -0.29 -1.34 -18.22
CA ARG A 389 1.06 -1.56 -18.76
C ARG A 389 2.12 -0.66 -18.15
N GLU A 390 1.80 0.63 -18.06
CA GLU A 390 2.70 1.65 -17.53
C GLU A 390 3.14 1.37 -16.10
N ILE A 391 2.27 0.76 -15.32
CA ILE A 391 2.58 0.44 -13.94
C ILE A 391 3.30 -0.91 -13.81
N ARG A 392 2.80 -1.93 -14.50
CA ARG A 392 3.43 -3.25 -14.42
C ARG A 392 4.86 -3.22 -14.95
N ASN A 393 5.10 -2.45 -16.01
CA ASN A 393 6.44 -2.37 -16.57
C ASN A 393 7.41 -1.57 -15.70
N MET A 394 6.89 -0.66 -14.89
CA MET A 394 7.73 0.11 -13.98
C MET A 394 8.03 -0.74 -12.74
N VAL A 395 7.19 -1.73 -12.47
CA VAL A 395 7.39 -2.66 -11.35
C VAL A 395 8.57 -3.52 -11.79
N TRP A 396 8.60 -3.88 -13.07
CA TRP A 396 9.68 -4.70 -13.62
C TRP A 396 10.97 -3.87 -13.63
N PHE A 397 10.85 -2.61 -14.03
CA PHE A 397 11.98 -1.68 -14.09
C PHE A 397 12.67 -1.64 -12.73
N ARG A 398 11.89 -1.52 -11.65
CA ARG A 398 12.45 -1.45 -10.31
C ARG A 398 13.25 -2.71 -9.95
N ASN A 399 12.80 -3.88 -10.41
CA ASN A 399 13.50 -5.13 -10.14
C ASN A 399 14.84 -5.13 -10.87
N VAL A 400 14.82 -4.72 -12.13
CA VAL A 400 16.02 -4.67 -12.98
C VAL A 400 17.12 -3.77 -12.43
N VAL A 401 16.74 -2.62 -11.88
CA VAL A 401 17.72 -1.67 -11.36
C VAL A 401 17.95 -1.74 -9.84
N ASP A 402 17.41 -2.76 -9.20
CA ASP A 402 17.55 -2.92 -7.75
C ASP A 402 19.01 -2.80 -7.29
N GLY A 403 19.25 -1.91 -6.34
CA GLY A 403 20.60 -1.72 -5.81
C GLY A 403 21.49 -0.77 -6.60
N GLU A 404 21.01 -0.27 -7.74
CA GLU A 404 21.81 0.65 -8.54
C GLU A 404 21.71 2.09 -8.03
N PRO A 405 22.81 2.85 -8.09
CA PRO A 405 22.81 4.22 -7.62
C PRO A 405 22.06 5.22 -8.49
N PHE A 406 21.54 6.26 -7.84
CA PHE A 406 20.83 7.35 -8.52
C PHE A 406 21.94 8.02 -9.33
N ALA A 407 21.73 8.16 -10.63
CA ALA A 407 22.74 8.77 -11.49
C ALA A 407 22.20 9.58 -12.67
N ASN A 408 23.10 10.30 -13.31
CA ASN A 408 22.81 11.12 -14.49
C ASN A 408 21.54 11.96 -14.48
N TRP A 409 21.38 12.74 -13.42
CA TRP A 409 20.21 13.61 -13.31
C TRP A 409 20.27 14.78 -14.29
N TRP A 410 19.12 15.15 -14.82
CA TRP A 410 18.99 16.26 -15.74
C TRP A 410 17.62 16.89 -15.56
N ASP A 411 17.56 18.21 -15.75
CA ASP A 411 16.30 18.94 -15.65
C ASP A 411 16.43 20.21 -16.50
N ASN A 412 15.28 20.77 -16.89
CA ASN A 412 15.27 21.97 -17.70
C ASN A 412 14.97 23.22 -16.87
N GLY A 413 15.07 23.09 -15.54
CA GLY A 413 14.81 24.20 -14.65
C GLY A 413 13.33 24.43 -14.42
N SER A 414 12.49 23.56 -14.97
CA SER A 414 11.05 23.69 -14.81
C SER A 414 10.41 22.34 -14.44
N ASN A 415 9.76 21.66 -15.39
CA ASN A 415 9.11 20.39 -15.12
C ASN A 415 9.51 19.21 -16.00
N GLN A 416 10.69 19.30 -16.59
CA GLN A 416 11.22 18.22 -17.43
C GLN A 416 12.44 17.68 -16.71
N VAL A 417 12.40 16.41 -16.32
CA VAL A 417 13.51 15.80 -15.61
C VAL A 417 13.84 14.41 -16.13
N ALA A 418 15.04 13.94 -15.83
CA ALA A 418 15.48 12.62 -16.24
C ALA A 418 16.56 12.14 -15.31
N PHE A 419 16.63 10.82 -15.11
CA PHE A 419 17.65 10.23 -14.27
C PHE A 419 17.76 8.73 -14.54
N GLY A 420 18.92 8.19 -14.20
CA GLY A 420 19.15 6.77 -14.41
C GLY A 420 19.49 6.07 -13.12
N ARG A 421 19.63 4.75 -13.21
CA ARG A 421 19.96 3.92 -12.06
C ARG A 421 21.13 3.08 -12.53
N GLY A 422 22.34 3.50 -12.15
CA GLY A 422 23.53 2.79 -12.55
C GLY A 422 23.59 2.79 -14.07
N ASN A 423 23.95 1.66 -14.65
CA ASN A 423 23.99 1.54 -16.11
C ASN A 423 22.92 0.54 -16.56
N ARG A 424 21.84 0.46 -15.78
CA ARG A 424 20.77 -0.50 -16.08
C ARG A 424 19.37 0.05 -16.34
N GLY A 425 19.17 1.34 -16.13
CA GLY A 425 17.87 1.93 -16.35
C GLY A 425 17.92 3.44 -16.45
N PHE A 426 16.96 4.01 -17.19
CA PHE A 426 16.88 5.44 -17.37
C PHE A 426 15.42 5.84 -17.64
N ILE A 427 15.02 6.99 -17.10
CA ILE A 427 13.64 7.45 -17.24
C ILE A 427 13.61 8.97 -17.47
N VAL A 428 12.72 9.42 -18.36
CA VAL A 428 12.59 10.84 -18.71
C VAL A 428 11.14 11.27 -18.61
N PHE A 429 10.89 12.38 -17.92
CA PHE A 429 9.55 12.91 -17.73
C PHE A 429 9.40 14.30 -18.34
N ASN A 430 8.21 14.58 -18.84
CA ASN A 430 7.90 15.89 -19.39
C ASN A 430 6.58 16.32 -18.78
N ASN A 431 6.66 17.10 -17.70
CA ASN A 431 5.45 17.57 -17.04
C ASN A 431 5.24 19.07 -17.30
N ASP A 432 5.86 19.57 -18.36
CA ASP A 432 5.72 20.97 -18.76
C ASP A 432 4.63 21.09 -19.81
N ASP A 433 4.09 22.30 -19.98
CA ASP A 433 3.03 22.54 -20.95
C ASP A 433 3.56 22.80 -22.37
N TRP A 434 4.77 22.32 -22.63
CA TRP A 434 5.40 22.44 -23.94
C TRP A 434 6.26 21.20 -24.20
N GLN A 435 6.76 21.09 -25.43
CA GLN A 435 7.57 19.95 -25.86
C GLN A 435 8.95 19.78 -25.20
N LEU A 436 9.40 18.53 -25.17
CA LEU A 436 10.71 18.16 -24.63
C LEU A 436 11.55 17.62 -25.79
N SER A 437 12.75 18.16 -25.95
CA SER A 437 13.66 17.72 -27.01
C SER A 437 15.10 17.94 -26.57
N SER A 438 15.74 16.87 -26.11
CA SER A 438 17.13 16.95 -25.65
C SER A 438 17.90 15.67 -25.90
N THR A 439 19.22 15.78 -25.91
CA THR A 439 20.10 14.64 -26.10
C THR A 439 20.73 14.41 -24.73
N LEU A 440 20.18 13.47 -23.98
CA LEU A 440 20.64 13.17 -22.63
C LEU A 440 21.59 11.99 -22.51
N GLN A 441 22.48 12.07 -21.53
CA GLN A 441 23.41 10.98 -21.24
C GLN A 441 22.60 10.00 -20.39
N THR A 442 22.41 8.79 -20.90
CA THR A 442 21.64 7.76 -20.19
C THR A 442 22.46 6.87 -19.26
N GLY A 443 23.74 6.72 -19.55
CA GLY A 443 24.61 5.88 -18.73
C GLY A 443 24.47 4.43 -19.12
N LEU A 444 23.69 4.16 -20.16
CA LEU A 444 23.44 2.81 -20.65
C LEU A 444 24.32 2.44 -21.84
N PRO A 445 24.55 1.13 -22.06
CA PRO A 445 25.36 0.63 -23.17
C PRO A 445 24.66 0.99 -24.48
N GLY A 446 25.43 1.12 -25.56
CA GLY A 446 24.85 1.45 -26.85
C GLY A 446 23.95 0.39 -27.42
N GLY A 447 22.89 0.82 -28.11
CA GLY A 447 21.95 -0.11 -28.72
C GLY A 447 20.56 0.46 -28.82
N THR A 448 19.62 -0.35 -29.28
CA THR A 448 18.23 0.07 -29.40
C THR A 448 17.41 -0.55 -28.26
N TYR A 449 16.75 0.31 -27.51
CA TYR A 449 15.93 -0.13 -26.37
C TYR A 449 14.45 0.12 -26.64
N CYS A 450 13.59 -0.72 -26.07
CA CYS A 450 12.16 -0.53 -26.21
C CYS A 450 11.70 0.31 -25.03
N ASP A 451 10.89 1.32 -25.30
CA ASP A 451 10.33 2.15 -24.24
C ASP A 451 9.25 1.26 -23.61
N VAL A 452 9.37 1.02 -22.31
CA VAL A 452 8.41 0.16 -21.62
C VAL A 452 7.14 0.86 -21.15
N ILE A 453 7.00 2.15 -21.44
CA ILE A 453 5.81 2.89 -21.03
C ILE A 453 4.76 2.81 -22.15
N SER A 454 5.20 3.04 -23.37
CA SER A 454 4.32 3.00 -24.54
C SER A 454 4.15 1.58 -25.08
N GLY A 455 5.09 0.70 -24.74
CA GLY A 455 5.00 -0.67 -25.22
C GLY A 455 5.77 -1.72 -24.46
N ASP A 456 6.11 -2.80 -25.17
CA ASP A 456 6.84 -3.93 -24.62
C ASP A 456 7.83 -4.46 -25.64
N LYS A 457 8.84 -5.19 -25.15
CA LYS A 457 9.81 -5.81 -26.03
C LYS A 457 9.22 -7.19 -26.30
N VAL A 458 8.96 -7.48 -27.57
CA VAL A 458 8.40 -8.77 -27.97
C VAL A 458 9.36 -9.37 -29.00
N GLY A 459 10.09 -10.40 -28.58
CA GLY A 459 11.05 -11.03 -29.47
C GLY A 459 12.18 -10.05 -29.76
N ASN A 460 12.44 -9.81 -31.04
CA ASN A 460 13.50 -8.89 -31.43
C ASN A 460 12.95 -7.56 -31.94
N SER A 461 11.79 -7.15 -31.40
CA SER A 461 11.17 -5.89 -31.80
C SER A 461 10.39 -5.26 -30.65
N CYS A 462 9.99 -4.00 -30.84
CA CYS A 462 9.22 -3.27 -29.82
C CYS A 462 7.82 -2.98 -30.33
N THR A 463 6.84 -3.01 -29.43
CA THR A 463 5.45 -2.72 -29.80
C THR A 463 5.16 -1.22 -29.65
N GLY A 464 6.10 -0.50 -29.04
CA GLY A 464 5.93 0.93 -28.85
C GLY A 464 7.11 1.73 -29.39
N ILE A 465 7.46 2.79 -28.67
CA ILE A 465 8.57 3.66 -29.05
C ILE A 465 9.93 2.98 -28.91
N LYS A 466 10.82 3.23 -29.86
CA LYS A 466 12.18 2.70 -29.84
C LYS A 466 13.14 3.86 -29.57
N VAL A 467 14.07 3.64 -28.66
CA VAL A 467 15.06 4.65 -28.31
C VAL A 467 16.45 4.14 -28.68
N TYR A 468 17.21 4.93 -29.43
CA TYR A 468 18.55 4.52 -29.80
C TYR A 468 19.59 5.22 -28.94
N VAL A 469 20.40 4.42 -28.25
CA VAL A 469 21.47 4.96 -27.41
C VAL A 469 22.77 4.80 -28.19
N SER A 470 23.40 5.90 -28.54
CA SER A 470 24.66 5.84 -29.28
C SER A 470 25.77 5.23 -28.42
N SER A 471 26.89 4.92 -29.06
CA SER A 471 28.04 4.30 -28.38
C SER A 471 28.58 5.03 -27.17
N ASP A 472 28.39 6.35 -27.10
CA ASP A 472 28.88 7.12 -25.96
C ASP A 472 27.91 7.20 -24.78
N GLY A 473 26.68 6.73 -25.00
CA GLY A 473 25.70 6.75 -23.93
C GLY A 473 24.57 7.76 -24.10
N THR A 474 24.70 8.67 -25.06
CA THR A 474 23.68 9.68 -25.27
C THR A 474 22.54 9.20 -26.17
N ALA A 475 21.37 9.79 -25.98
CA ALA A 475 20.19 9.44 -26.76
C ALA A 475 19.27 10.65 -26.88
N GLN A 476 18.67 10.81 -28.06
CA GLN A 476 17.76 11.91 -28.30
C GLN A 476 16.34 11.52 -27.88
N PHE A 477 15.74 12.36 -27.04
CA PHE A 477 14.38 12.13 -26.56
C PHE A 477 13.46 13.25 -27.02
N SER A 478 12.28 12.86 -27.49
CA SER A 478 11.28 13.83 -27.95
C SER A 478 9.94 13.43 -27.36
N ILE A 479 9.45 14.23 -26.42
CA ILE A 479 8.18 13.95 -25.78
C ILE A 479 7.27 15.16 -25.84
N SER A 480 6.11 14.97 -26.47
CA SER A 480 5.12 16.04 -26.60
C SER A 480 4.32 16.15 -25.31
N ASN A 481 3.92 17.37 -24.97
CA ASN A 481 3.13 17.61 -23.77
C ASN A 481 1.71 17.06 -23.89
N SER A 482 1.29 16.77 -25.12
CA SER A 482 -0.05 16.23 -25.36
C SER A 482 -0.03 14.71 -25.50
N ALA A 483 1.13 14.11 -25.27
CA ALA A 483 1.30 12.66 -25.35
C ALA A 483 0.48 11.98 -24.25
N GLU A 484 -0.11 10.84 -24.59
CA GLU A 484 -0.91 10.05 -23.67
C GLU A 484 -0.17 9.82 -22.34
N ASP A 485 1.09 9.39 -22.45
CA ASP A 485 1.94 9.17 -21.28
C ASP A 485 3.20 9.96 -21.60
N PRO A 486 3.37 11.13 -20.98
CA PRO A 486 4.51 12.02 -21.18
C PRO A 486 5.83 11.63 -20.52
N PHE A 487 6.15 10.34 -20.56
CA PHE A 487 7.41 9.86 -20.00
C PHE A 487 7.85 8.56 -20.63
N ILE A 488 9.16 8.40 -20.74
CA ILE A 488 9.77 7.23 -21.36
C ILE A 488 10.71 6.54 -20.38
N ALA A 489 10.72 5.22 -20.41
CA ALA A 489 11.58 4.43 -19.54
C ALA A 489 12.18 3.24 -20.28
N ILE A 490 13.49 3.10 -20.18
CA ILE A 490 14.22 2.02 -20.83
C ILE A 490 15.17 1.38 -19.83
N HIS A 491 15.37 0.07 -19.96
CA HIS A 491 16.29 -0.65 -19.07
C HIS A 491 17.01 -1.80 -19.77
N ALA A 492 17.99 -2.36 -19.07
CA ALA A 492 18.80 -3.46 -19.59
C ALA A 492 18.01 -4.61 -20.21
N GLU A 493 16.84 -4.91 -19.68
CA GLU A 493 16.04 -6.00 -20.22
C GLU A 493 15.05 -5.63 -21.33
N SER A 494 15.05 -4.36 -21.73
CA SER A 494 14.17 -3.93 -22.81
C SER A 494 15.02 -3.62 -24.06
N LYS A 495 16.31 -3.96 -23.97
CA LYS A 495 17.27 -3.75 -25.06
C LYS A 495 17.14 -4.85 -26.11
N LEU A 496 17.09 -4.47 -27.38
CA LEU A 496 16.98 -5.44 -28.47
C LEU A 496 18.31 -6.18 -28.67
#